data_1N7K
#
_entry.id   1N7K
#
_cell.length_a   75.293
_cell.length_b   84.185
_cell.length_c   87.238
_cell.angle_alpha   90.00
_cell.angle_beta   90.00
_cell.angle_gamma   90.00
#
_symmetry.space_group_name_H-M   'P 21 21 2'
#
loop_
_entity.id
_entity.type
_entity.pdbx_description
1 polymer 'deoxyribose-phosphate aldolase'
2 water water
#
_entity_poly.entity_id   1
_entity_poly.type   'polypeptide(L)'
_entity_poly.pdbx_seq_one_letter_code
;PSARDILQQGLDRLGSPEDLASRIDSTLLSPRATEEDVRNLVREASDYGFRCAVLTPVYTVKISGLAEKLGVKLCSVIGF
PLGQAPLEVKLVEAQTVLEAGATELDVVPHLSLGPEAVYREVSGIVKLAKSYGAVVKVILEAPLWDDKTLSLLVDSSRRA
GADIVKTSTGVYTKGGDPVTVFRLASLAKPLGMGVKASGGIRSGIDAVLAVGAGADIIGTSSAVKVLESFKSLV
;
_entity_poly.pdbx_strand_id   A,B
#
# COMPACT_ATOMS: atom_id res chain seq x y z
N PRO A 1 -6.24 0.50 -32.79
CA PRO A 1 -6.48 -0.94 -33.06
C PRO A 1 -7.96 -1.26 -32.91
N SER A 2 -8.42 -2.28 -33.62
CA SER A 2 -9.82 -2.70 -33.52
C SER A 2 -9.88 -3.86 -32.55
N ALA A 3 -11.09 -4.22 -32.13
CA ALA A 3 -11.24 -5.34 -31.22
C ALA A 3 -10.62 -6.58 -31.88
N ARG A 4 -10.87 -6.76 -33.17
CA ARG A 4 -10.30 -7.90 -33.89
C ARG A 4 -8.78 -7.85 -33.81
N ASP A 5 -8.21 -6.66 -33.99
CA ASP A 5 -6.77 -6.49 -33.93
C ASP A 5 -6.14 -7.04 -32.66
N ILE A 6 -6.64 -6.61 -31.51
CA ILE A 6 -6.07 -7.09 -30.26
C ILE A 6 -6.23 -8.59 -30.04
N LEU A 7 -7.37 -9.15 -30.44
CA LEU A 7 -7.60 -10.58 -30.30
C LEU A 7 -6.57 -11.31 -31.15
N GLN A 8 -6.48 -10.94 -32.43
CA GLN A 8 -5.54 -11.56 -33.35
C GLN A 8 -4.09 -11.43 -32.88
N GLN A 9 -3.72 -10.24 -32.40
CA GLN A 9 -2.37 -10.02 -31.93
C GLN A 9 -2.09 -10.93 -30.73
N GLY A 10 -3.11 -11.15 -29.90
CA GLY A 10 -2.94 -12.01 -28.75
C GLY A 10 -2.71 -13.44 -29.20
N LEU A 11 -3.53 -13.89 -30.14
CA LEU A 11 -3.40 -15.24 -30.69
C LEU A 11 -2.05 -15.43 -31.38
N ASP A 12 -1.61 -14.41 -32.12
CA ASP A 12 -0.33 -14.48 -32.83
C ASP A 12 0.86 -14.65 -31.90
N ARG A 13 0.78 -14.04 -30.72
CA ARG A 13 1.88 -14.09 -29.77
C ARG A 13 1.86 -15.25 -28.78
N LEU A 14 0.67 -15.73 -28.43
CA LEU A 14 0.56 -16.84 -27.48
C LEU A 14 0.05 -18.13 -28.12
N GLY A 15 0.98 -18.88 -28.72
CA GLY A 15 0.59 -20.12 -29.37
C GLY A 15 0.50 -21.31 -28.43
N SER A 16 1.33 -21.31 -27.38
CA SER A 16 1.34 -22.42 -26.42
C SER A 16 1.28 -21.97 -24.97
N PRO A 17 0.91 -22.90 -24.06
CA PRO A 17 0.83 -22.58 -22.64
C PRO A 17 2.20 -22.10 -22.18
N GLU A 18 3.25 -22.69 -22.75
CA GLU A 18 4.62 -22.33 -22.43
C GLU A 18 4.90 -20.86 -22.76
N ASP A 19 4.43 -20.41 -23.93
CA ASP A 19 4.63 -19.02 -24.32
C ASP A 19 4.03 -18.13 -23.25
N LEU A 20 2.83 -18.47 -22.79
CA LEU A 20 2.14 -17.69 -21.75
C LEU A 20 2.89 -17.76 -20.42
N ALA A 21 3.10 -18.97 -19.94
CA ALA A 21 3.80 -19.16 -18.67
C ALA A 21 5.10 -18.34 -18.66
N SER A 22 5.78 -18.28 -19.79
CA SER A 22 7.05 -17.54 -19.92
C SER A 22 6.93 -16.03 -19.75
N ARG A 23 5.73 -15.49 -19.92
CA ARG A 23 5.52 -14.06 -19.80
C ARG A 23 4.86 -13.69 -18.47
N ILE A 24 4.58 -14.70 -17.65
CA ILE A 24 3.91 -14.46 -16.37
C ILE A 24 4.79 -14.22 -15.15
N ASP A 25 4.61 -13.04 -14.54
CA ASP A 25 5.31 -12.68 -13.32
C ASP A 25 4.36 -13.17 -12.22
N SER A 26 4.58 -14.37 -11.71
CA SER A 26 3.72 -14.94 -10.67
C SER A 26 3.88 -14.14 -9.37
N THR A 27 2.79 -13.54 -8.93
CA THR A 27 2.80 -12.64 -7.79
C THR A 27 2.04 -13.01 -6.52
N LEU A 28 2.56 -12.52 -5.39
CA LEU A 28 1.96 -12.70 -4.07
C LEU A 28 2.32 -11.45 -3.26
N LEU A 29 1.34 -10.56 -3.12
CA LEU A 29 1.53 -9.31 -2.40
C LEU A 29 0.30 -9.07 -1.52
N SER A 30 0.09 -9.97 -0.57
CA SER A 30 -1.06 -9.88 0.33
C SER A 30 -0.66 -9.76 1.77
N PRO A 31 -1.45 -9.01 2.57
CA PRO A 31 -1.22 -8.81 4.00
C PRO A 31 -1.39 -10.13 4.72
N ARG A 32 -2.04 -11.08 4.05
CA ARG A 32 -2.28 -12.41 4.61
C ARG A 32 -1.20 -13.43 4.27
N ALA A 33 -0.39 -13.12 3.26
CA ALA A 33 0.67 -14.02 2.81
C ALA A 33 1.63 -14.45 3.92
N THR A 34 1.84 -15.76 4.03
CA THR A 34 2.73 -16.34 5.02
C THR A 34 3.97 -16.89 4.33
N GLU A 35 5.00 -17.22 5.12
CA GLU A 35 6.22 -17.78 4.57
C GLU A 35 5.87 -19.03 3.78
N GLU A 36 4.97 -19.83 4.33
CA GLU A 36 4.56 -21.06 3.67
C GLU A 36 3.98 -20.72 2.28
N ASP A 37 3.12 -19.71 2.22
CA ASP A 37 2.53 -19.32 0.95
C ASP A 37 3.63 -18.95 -0.05
N VAL A 38 4.63 -18.20 0.43
CA VAL A 38 5.72 -17.77 -0.42
C VAL A 38 6.53 -18.95 -0.97
N ARG A 39 6.77 -19.95 -0.12
CA ARG A 39 7.52 -21.12 -0.56
C ARG A 39 6.74 -21.79 -1.70
N ASN A 40 5.43 -21.91 -1.53
CA ASN A 40 4.55 -22.52 -2.53
C ASN A 40 4.61 -21.71 -3.83
N LEU A 41 4.59 -20.39 -3.71
CA LEU A 41 4.64 -19.53 -4.89
C LEU A 41 5.89 -19.82 -5.70
N VAL A 42 7.05 -19.79 -5.04
CA VAL A 42 8.32 -20.02 -5.71
C VAL A 42 8.46 -21.43 -6.27
N ARG A 43 7.96 -22.42 -5.55
CA ARG A 43 8.06 -23.81 -6.03
C ARG A 43 7.18 -24.02 -7.26
N GLU A 44 5.97 -23.46 -7.24
CA GLU A 44 5.09 -23.62 -8.38
C GLU A 44 5.61 -22.81 -9.56
N ALA A 45 6.28 -21.69 -9.28
CA ALA A 45 6.85 -20.87 -10.35
C ALA A 45 7.83 -21.76 -11.12
N SER A 46 8.61 -22.54 -10.37
CA SER A 46 9.56 -23.46 -10.95
C SER A 46 8.81 -24.54 -11.74
N ASP A 47 7.81 -25.14 -11.10
CA ASP A 47 7.01 -26.18 -11.73
C ASP A 47 6.42 -25.77 -13.07
N TYR A 48 5.80 -24.59 -13.09
CA TYR A 48 5.15 -24.07 -14.29
C TYR A 48 6.03 -23.28 -15.25
N GLY A 49 7.27 -22.99 -14.85
CA GLY A 49 8.15 -22.23 -15.71
C GLY A 49 7.71 -20.78 -15.88
N PHE A 50 7.20 -20.18 -14.80
CA PHE A 50 6.78 -18.79 -14.88
C PHE A 50 8.03 -17.90 -14.99
N ARG A 51 7.83 -16.71 -15.53
CA ARG A 51 8.93 -15.77 -15.76
C ARG A 51 9.74 -15.46 -14.49
N CYS A 52 9.05 -15.25 -13.38
CA CYS A 52 9.70 -14.98 -12.10
C CYS A 52 8.66 -14.93 -11.01
N ALA A 53 9.12 -14.74 -9.78
CA ALA A 53 8.23 -14.64 -8.65
C ALA A 53 8.35 -13.21 -8.16
N VAL A 54 7.21 -12.54 -7.98
CA VAL A 54 7.16 -11.16 -7.52
C VAL A 54 6.70 -11.16 -6.07
N LEU A 55 7.52 -10.56 -5.20
CA LEU A 55 7.21 -10.54 -3.77
C LEU A 55 7.55 -9.21 -3.13
N THR A 56 7.14 -9.07 -1.87
CA THR A 56 7.44 -7.87 -1.10
C THR A 56 8.92 -8.01 -0.68
N PRO A 57 9.55 -6.89 -0.26
CA PRO A 57 10.96 -6.93 0.14
C PRO A 57 11.33 -7.99 1.19
N VAL A 58 10.53 -8.10 2.24
CA VAL A 58 10.79 -9.08 3.30
C VAL A 58 10.77 -10.53 2.80
N TYR A 59 9.75 -10.89 2.05
CA TYR A 59 9.68 -12.26 1.56
C TYR A 59 10.71 -12.53 0.46
N THR A 60 11.06 -11.51 -0.31
CA THR A 60 12.06 -11.69 -1.35
C THR A 60 13.34 -12.15 -0.64
N VAL A 61 13.67 -11.50 0.47
CA VAL A 61 14.86 -11.82 1.24
C VAL A 61 14.78 -13.19 1.89
N LYS A 62 13.66 -13.49 2.54
CA LYS A 62 13.49 -14.78 3.20
C LYS A 62 13.52 -15.97 2.25
N ILE A 63 12.99 -15.79 1.03
CA ILE A 63 12.93 -16.88 0.06
C ILE A 63 14.12 -16.98 -0.92
N SER A 64 15.02 -15.99 -0.89
CA SER A 64 16.16 -15.99 -1.80
C SER A 64 16.92 -17.31 -1.85
N GLY A 65 17.11 -17.94 -0.69
CA GLY A 65 17.81 -19.21 -0.65
C GLY A 65 17.08 -20.25 -1.49
N LEU A 66 15.80 -20.44 -1.21
CA LEU A 66 15.01 -21.43 -1.95
C LEU A 66 14.98 -21.08 -3.44
N ALA A 67 14.72 -19.81 -3.74
CA ALA A 67 14.65 -19.35 -5.13
C ALA A 67 15.91 -19.72 -5.89
N GLU A 68 17.07 -19.49 -5.28
CA GLU A 68 18.34 -19.80 -5.91
C GLU A 68 18.44 -21.30 -6.18
N LYS A 69 18.05 -22.09 -5.20
CA LYS A 69 18.09 -23.55 -5.30
C LYS A 69 17.21 -24.09 -6.43
N LEU A 70 16.03 -23.50 -6.60
CA LEU A 70 15.12 -23.94 -7.66
C LEU A 70 15.27 -23.17 -8.97
N GLY A 71 16.23 -22.24 -9.01
CA GLY A 71 16.44 -21.46 -10.21
C GLY A 71 15.28 -20.56 -10.59
N VAL A 72 14.67 -19.92 -9.58
CA VAL A 72 13.55 -19.03 -9.83
C VAL A 72 14.00 -17.57 -9.66
N LYS A 73 13.86 -16.78 -10.72
CA LYS A 73 14.24 -15.37 -10.68
C LYS A 73 13.33 -14.65 -9.69
N LEU A 74 13.88 -13.72 -8.92
CA LEU A 74 13.10 -12.99 -7.95
C LEU A 74 12.95 -11.52 -8.29
N CYS A 75 11.73 -11.03 -8.15
CA CYS A 75 11.40 -9.63 -8.41
C CYS A 75 10.73 -9.07 -7.16
N SER A 76 11.21 -7.93 -6.68
CA SER A 76 10.63 -7.33 -5.49
C SER A 76 9.96 -6.01 -5.82
N VAL A 77 8.83 -5.73 -5.16
CA VAL A 77 8.15 -4.46 -5.34
C VAL A 77 8.89 -3.49 -4.42
N ILE A 78 8.94 -2.22 -4.80
CA ILE A 78 9.64 -1.20 -4.03
C ILE A 78 8.72 -0.01 -3.79
N GLY A 79 8.62 0.42 -2.53
CA GLY A 79 7.77 1.55 -2.18
C GLY A 79 6.33 1.25 -2.57
N PHE A 80 6.01 -0.03 -2.58
CA PHE A 80 4.70 -0.54 -2.96
C PHE A 80 3.75 -0.62 -1.78
N PRO A 81 2.46 -0.26 -2.00
CA PRO A 81 1.89 0.21 -3.26
C PRO A 81 1.64 1.71 -3.40
N LEU A 82 1.75 2.45 -2.30
CA LEU A 82 1.47 3.88 -2.34
C LEU A 82 2.61 4.76 -2.86
N GLY A 83 3.84 4.29 -2.70
CA GLY A 83 5.00 5.02 -3.19
C GLY A 83 5.29 6.41 -2.66
N GLN A 84 4.85 6.70 -1.44
CA GLN A 84 5.11 8.02 -0.91
C GLN A 84 6.05 8.09 0.28
N ALA A 85 7.02 7.19 0.28
CA ALA A 85 8.07 7.18 1.29
C ALA A 85 9.16 7.89 0.48
N PRO A 86 10.10 8.58 1.15
CA PRO A 86 11.16 9.27 0.41
C PRO A 86 12.13 8.34 -0.33
N LEU A 87 12.81 8.88 -1.34
CA LEU A 87 13.76 8.12 -2.15
C LEU A 87 14.76 7.35 -1.27
N GLU A 88 15.27 8.03 -0.25
CA GLU A 88 16.23 7.42 0.66
C GLU A 88 15.69 6.10 1.21
N VAL A 89 14.43 6.11 1.64
CA VAL A 89 13.82 4.90 2.17
C VAL A 89 13.73 3.84 1.07
N LYS A 90 13.25 4.24 -0.10
CA LYS A 90 13.14 3.30 -1.21
C LYS A 90 14.49 2.71 -1.61
N LEU A 91 15.55 3.52 -1.53
CA LEU A 91 16.89 3.05 -1.88
C LEU A 91 17.40 2.00 -0.89
N VAL A 92 17.12 2.21 0.38
CA VAL A 92 17.54 1.25 1.39
C VAL A 92 16.79 -0.06 1.13
N GLU A 93 15.48 0.06 0.90
CA GLU A 93 14.64 -1.10 0.62
C GLU A 93 15.16 -1.88 -0.60
N ALA A 94 15.47 -1.17 -1.68
CA ALA A 94 15.97 -1.83 -2.88
C ALA A 94 17.34 -2.47 -2.64
N GLN A 95 18.20 -1.76 -1.92
CA GLN A 95 19.52 -2.25 -1.61
C GLN A 95 19.47 -3.62 -0.93
N THR A 96 18.61 -3.76 0.07
CA THR A 96 18.50 -5.02 0.81
C THR A 96 18.07 -6.17 -0.10
N VAL A 97 17.07 -5.92 -0.95
CA VAL A 97 16.58 -6.96 -1.85
C VAL A 97 17.63 -7.29 -2.91
N LEU A 98 18.35 -6.28 -3.38
CA LEU A 98 19.38 -6.51 -4.38
C LEU A 98 20.51 -7.33 -3.76
N GLU A 99 20.81 -7.06 -2.49
CA GLU A 99 21.87 -7.78 -1.80
C GLU A 99 21.49 -9.26 -1.68
N ALA A 100 20.20 -9.52 -1.59
CA ALA A 100 19.70 -10.89 -1.45
C ALA A 100 19.64 -11.68 -2.76
N GLY A 101 19.78 -11.01 -3.89
CA GLY A 101 19.77 -11.71 -5.16
C GLY A 101 18.65 -11.37 -6.14
N ALA A 102 17.80 -10.42 -5.78
CA ALA A 102 16.70 -10.03 -6.67
C ALA A 102 17.28 -9.38 -7.92
N THR A 103 16.76 -9.79 -9.09
CA THR A 103 17.27 -9.21 -10.33
C THR A 103 16.29 -8.25 -11.02
N GLU A 104 15.14 -8.02 -10.40
CA GLU A 104 14.17 -7.09 -10.96
C GLU A 104 13.44 -6.37 -9.83
N LEU A 105 13.05 -5.13 -10.10
CA LEU A 105 12.35 -4.30 -9.12
C LEU A 105 11.11 -3.69 -9.76
N ASP A 106 9.95 -3.87 -9.14
CA ASP A 106 8.71 -3.27 -9.64
C ASP A 106 8.50 -2.07 -8.71
N VAL A 107 8.99 -0.93 -9.16
CA VAL A 107 8.97 0.30 -8.39
C VAL A 107 7.76 1.22 -8.52
N VAL A 108 7.28 1.70 -7.38
CA VAL A 108 6.18 2.66 -7.35
C VAL A 108 6.79 4.01 -6.96
N PRO A 109 6.88 4.93 -7.92
CA PRO A 109 7.46 6.23 -7.57
C PRO A 109 6.38 7.11 -6.94
N HIS A 110 6.77 8.29 -6.47
CA HIS A 110 5.80 9.21 -5.90
C HIS A 110 5.23 9.96 -7.10
N LEU A 111 4.34 9.29 -7.81
CA LEU A 111 3.71 9.81 -9.02
C LEU A 111 3.10 11.21 -8.92
N SER A 112 2.29 11.45 -7.89
CA SER A 112 1.63 12.74 -7.75
C SER A 112 2.51 13.97 -7.56
N LEU A 113 3.82 13.79 -7.47
CA LEU A 113 4.71 14.96 -7.34
C LEU A 113 5.07 15.50 -8.72
N GLY A 114 4.62 14.81 -9.76
CA GLY A 114 4.89 15.29 -11.11
C GLY A 114 5.98 14.56 -11.88
N PRO A 115 5.94 14.64 -13.23
CA PRO A 115 6.90 14.01 -14.15
C PRO A 115 8.37 14.26 -13.83
N GLU A 116 8.72 15.51 -13.53
CA GLU A 116 10.10 15.85 -13.23
C GLU A 116 10.60 15.11 -11.99
N ALA A 117 9.80 15.13 -10.93
CA ALA A 117 10.16 14.45 -9.69
C ALA A 117 10.31 12.95 -9.93
N VAL A 118 9.39 12.39 -10.70
CA VAL A 118 9.44 10.96 -11.02
C VAL A 118 10.75 10.65 -11.74
N TYR A 119 11.14 11.54 -12.66
CA TYR A 119 12.37 11.36 -13.41
C TYR A 119 13.56 11.27 -12.46
N ARG A 120 13.68 12.23 -11.55
CA ARG A 120 14.80 12.25 -10.62
C ARG A 120 14.79 11.02 -9.72
N GLU A 121 13.62 10.71 -9.17
CA GLU A 121 13.48 9.57 -8.27
C GLU A 121 13.82 8.24 -8.94
N VAL A 122 13.25 7.99 -10.12
CA VAL A 122 13.51 6.74 -10.82
C VAL A 122 14.95 6.66 -11.29
N SER A 123 15.53 7.80 -11.68
CA SER A 123 16.93 7.83 -12.11
C SER A 123 17.78 7.28 -10.96
N GLY A 124 17.39 7.64 -9.75
CA GLY A 124 18.10 7.18 -8.58
C GLY A 124 18.07 5.67 -8.39
N ILE A 125 16.88 5.06 -8.35
CA ILE A 125 16.84 3.62 -8.14
C ILE A 125 17.44 2.85 -9.32
N VAL A 126 17.24 3.37 -10.54
CA VAL A 126 17.80 2.73 -11.72
C VAL A 126 19.33 2.67 -11.60
N LYS A 127 19.92 3.75 -11.10
CA LYS A 127 21.38 3.80 -10.94
C LYS A 127 21.81 2.67 -10.00
N LEU A 128 21.10 2.52 -8.89
CA LEU A 128 21.38 1.47 -7.93
C LEU A 128 21.17 0.09 -8.56
N ALA A 129 20.00 -0.10 -9.18
CA ALA A 129 19.68 -1.37 -9.82
C ALA A 129 20.75 -1.78 -10.84
N LYS A 130 21.24 -0.82 -11.59
CA LYS A 130 22.25 -1.10 -12.61
C LYS A 130 23.52 -1.72 -12.04
N SER A 131 23.95 -1.28 -10.86
CA SER A 131 25.17 -1.85 -10.28
C SER A 131 25.01 -3.34 -10.01
N TYR A 132 23.77 -3.82 -9.97
CA TYR A 132 23.51 -5.24 -9.74
C TYR A 132 23.05 -5.94 -11.02
N GLY A 133 23.00 -5.18 -12.12
CA GLY A 133 22.55 -5.75 -13.38
C GLY A 133 21.09 -6.16 -13.29
N ALA A 134 20.33 -5.44 -12.46
CA ALA A 134 18.93 -5.72 -12.26
C ALA A 134 18.04 -4.87 -13.16
N VAL A 135 16.87 -5.39 -13.51
CA VAL A 135 15.91 -4.67 -14.35
C VAL A 135 14.91 -3.91 -13.50
N VAL A 136 14.52 -2.74 -13.97
CA VAL A 136 13.57 -1.91 -13.25
C VAL A 136 12.28 -1.69 -14.04
N LYS A 137 11.14 -1.99 -13.41
CA LYS A 137 9.84 -1.80 -14.03
C LYS A 137 9.19 -0.66 -13.24
N VAL A 138 8.76 0.39 -13.93
CA VAL A 138 8.15 1.52 -13.25
C VAL A 138 6.63 1.47 -13.31
N ILE A 139 6.00 1.40 -12.15
CA ILE A 139 4.53 1.36 -12.07
C ILE A 139 4.01 2.78 -12.23
N LEU A 140 3.15 3.00 -13.23
CA LEU A 140 2.65 4.34 -13.48
C LEU A 140 1.17 4.57 -13.14
N GLU A 141 0.48 3.55 -12.66
CA GLU A 141 -0.94 3.68 -12.33
C GLU A 141 -1.67 4.39 -13.48
N ALA A 142 -1.51 3.87 -14.68
CA ALA A 142 -2.10 4.44 -15.88
C ALA A 142 -3.56 4.90 -15.81
N PRO A 143 -4.44 4.10 -15.16
CA PRO A 143 -5.86 4.48 -15.06
C PRO A 143 -6.12 5.83 -14.39
N LEU A 144 -5.14 6.33 -13.65
CA LEU A 144 -5.31 7.60 -12.95
C LEU A 144 -5.06 8.83 -13.82
N TRP A 145 -4.33 8.67 -14.91
CA TRP A 145 -3.97 9.83 -15.74
C TRP A 145 -4.48 9.85 -17.18
N ASP A 146 -4.59 11.06 -17.74
CA ASP A 146 -5.02 11.17 -19.14
C ASP A 146 -3.81 10.85 -20.01
N ASP A 147 -4.00 10.78 -21.32
CA ASP A 147 -2.88 10.43 -22.19
C ASP A 147 -1.70 11.40 -22.11
N LYS A 148 -1.96 12.69 -22.02
CA LYS A 148 -0.88 13.67 -21.94
C LYS A 148 0.00 13.41 -20.71
N THR A 149 -0.65 13.22 -19.56
CA THR A 149 0.08 12.99 -18.32
C THR A 149 0.80 11.64 -18.35
N LEU A 150 0.15 10.61 -18.89
CA LEU A 150 0.77 9.29 -18.96
C LEU A 150 2.03 9.36 -19.83
N SER A 151 1.94 10.11 -20.92
CA SER A 151 3.07 10.27 -21.83
C SER A 151 4.24 10.93 -21.10
N LEU A 152 3.93 11.89 -20.24
CA LEU A 152 4.95 12.59 -19.47
C LEU A 152 5.64 11.62 -18.52
N LEU A 153 4.86 10.72 -17.92
CA LEU A 153 5.40 9.73 -17.00
C LEU A 153 6.22 8.68 -17.74
N VAL A 154 5.73 8.26 -18.91
CA VAL A 154 6.45 7.27 -19.70
C VAL A 154 7.80 7.89 -20.11
N ASP A 155 7.76 9.12 -20.60
CA ASP A 155 8.98 9.80 -21.02
C ASP A 155 9.99 9.95 -19.88
N SER A 156 9.51 10.28 -18.69
CA SER A 156 10.40 10.42 -17.53
C SER A 156 11.03 9.08 -17.21
N SER A 157 10.24 8.02 -17.29
CA SER A 157 10.74 6.68 -17.01
C SER A 157 11.84 6.32 -18.02
N ARG A 158 11.61 6.68 -19.28
CA ARG A 158 12.60 6.41 -20.32
C ARG A 158 13.88 7.20 -20.06
N ARG A 159 13.73 8.50 -19.81
CA ARG A 159 14.88 9.37 -19.53
C ARG A 159 15.70 8.87 -18.35
N ALA A 160 15.03 8.30 -17.36
CA ALA A 160 15.67 7.79 -16.16
C ALA A 160 16.42 6.47 -16.39
N GLY A 161 16.23 5.88 -17.58
CA GLY A 161 16.91 4.64 -17.88
C GLY A 161 16.18 3.36 -17.52
N ALA A 162 14.89 3.45 -17.18
CA ALA A 162 14.13 2.27 -16.82
C ALA A 162 13.90 1.36 -18.04
N ASP A 163 13.79 0.07 -17.80
CA ASP A 163 13.60 -0.90 -18.88
C ASP A 163 12.14 -1.12 -19.25
N ILE A 164 11.31 -1.23 -18.23
CA ILE A 164 9.90 -1.52 -18.41
C ILE A 164 9.00 -0.56 -17.64
N VAL A 165 7.79 -0.37 -18.14
CA VAL A 165 6.79 0.46 -17.48
C VAL A 165 5.64 -0.50 -17.18
N LYS A 166 5.07 -0.38 -15.98
CA LYS A 166 3.97 -1.23 -15.55
C LYS A 166 2.70 -0.42 -15.43
N THR A 167 1.59 -1.00 -15.86
CA THR A 167 0.31 -0.31 -15.87
C THR A 167 -0.34 0.04 -14.54
N SER A 168 -0.15 -0.79 -13.51
CA SER A 168 -0.86 -0.56 -12.25
C SER A 168 -0.28 -1.33 -11.06
N THR A 169 -0.68 -0.95 -9.85
CA THR A 169 -0.23 -1.62 -8.63
C THR A 169 -1.18 -2.77 -8.34
N GLY A 170 -2.38 -2.69 -8.92
CA GLY A 170 -3.39 -3.71 -8.69
C GLY A 170 -4.11 -3.38 -7.40
N VAL A 171 -3.68 -2.30 -6.75
CA VAL A 171 -4.25 -1.86 -5.48
C VAL A 171 -5.08 -0.58 -5.64
N TYR A 172 -4.44 0.51 -6.04
CA TYR A 172 -5.14 1.77 -6.22
C TYR A 172 -5.83 1.85 -7.56
N THR A 173 -5.44 0.96 -8.47
CA THR A 173 -6.06 0.88 -9.79
C THR A 173 -5.93 -0.57 -10.23
N LYS A 174 -6.52 -0.87 -11.38
CA LYS A 174 -6.42 -2.18 -11.97
C LYS A 174 -6.12 -1.87 -13.41
N GLY A 175 -5.00 -2.39 -13.90
CA GLY A 175 -4.61 -2.10 -15.27
C GLY A 175 -4.34 -3.32 -16.13
N GLY A 176 -5.11 -4.37 -15.93
CA GLY A 176 -4.93 -5.57 -16.72
C GLY A 176 -5.78 -5.60 -17.98
N ASP A 177 -6.69 -4.64 -18.10
CA ASP A 177 -7.60 -4.54 -19.24
C ASP A 177 -6.92 -4.01 -20.51
N PRO A 178 -7.37 -4.48 -21.69
CA PRO A 178 -6.85 -4.10 -23.01
C PRO A 178 -6.72 -2.60 -23.26
N VAL A 179 -7.73 -1.83 -22.84
CA VAL A 179 -7.68 -0.38 -23.04
C VAL A 179 -6.51 0.21 -22.27
N THR A 180 -6.42 -0.08 -20.98
CA THR A 180 -5.31 0.44 -20.19
C THR A 180 -3.97 -0.02 -20.75
N VAL A 181 -3.88 -1.30 -21.08
CA VAL A 181 -2.63 -1.83 -21.62
C VAL A 181 -2.23 -1.12 -22.91
N PHE A 182 -3.18 -0.91 -23.80
CA PHE A 182 -2.86 -0.23 -25.06
C PHE A 182 -2.46 1.23 -24.81
N ARG A 183 -3.15 1.90 -23.89
CA ARG A 183 -2.83 3.29 -23.60
C ARG A 183 -1.35 3.42 -23.24
N LEU A 184 -0.87 2.50 -22.42
CA LEU A 184 0.54 2.52 -22.02
C LEU A 184 1.45 2.07 -23.15
N ALA A 185 1.14 0.92 -23.74
CA ALA A 185 1.95 0.38 -24.81
C ALA A 185 2.11 1.32 -26.00
N SER A 186 1.03 1.99 -26.39
CA SER A 186 1.09 2.91 -27.53
C SER A 186 2.14 4.01 -27.30
N LEU A 187 2.41 4.30 -26.04
CA LEU A 187 3.38 5.34 -25.69
C LEU A 187 4.79 4.79 -25.44
N ALA A 188 4.87 3.66 -24.74
CA ALA A 188 6.15 3.06 -24.38
C ALA A 188 6.90 2.30 -25.46
N LYS A 189 6.20 1.48 -26.23
CA LYS A 189 6.86 0.70 -27.27
C LYS A 189 7.65 1.53 -28.27
N PRO A 190 7.06 2.62 -28.78
CA PRO A 190 7.80 3.44 -29.75
C PRO A 190 9.13 3.92 -29.17
N LEU A 191 9.24 3.87 -27.84
CA LEU A 191 10.46 4.30 -27.15
C LEU A 191 11.36 3.13 -26.76
N GLY A 192 11.02 1.93 -27.21
CA GLY A 192 11.83 0.76 -26.90
C GLY A 192 11.71 0.20 -25.51
N MET A 193 10.70 0.65 -24.76
CA MET A 193 10.51 0.14 -23.40
C MET A 193 9.50 -1.00 -23.38
N GLY A 194 9.71 -1.93 -22.45
CA GLY A 194 8.80 -3.06 -22.33
C GLY A 194 7.54 -2.64 -21.60
N VAL A 195 6.52 -3.47 -21.66
CA VAL A 195 5.25 -3.16 -21.01
C VAL A 195 4.75 -4.34 -20.18
N LYS A 196 4.39 -4.06 -18.94
CA LYS A 196 3.86 -5.09 -18.05
C LYS A 196 2.44 -4.73 -17.65
N ALA A 197 1.52 -5.66 -17.84
CA ALA A 197 0.12 -5.45 -17.48
C ALA A 197 -0.14 -6.19 -16.16
N SER A 198 -0.86 -5.53 -15.26
CA SER A 198 -1.19 -6.10 -13.95
C SER A 198 -2.50 -5.51 -13.46
N GLY A 199 -3.19 -6.27 -12.61
CA GLY A 199 -4.44 -5.80 -12.04
C GLY A 199 -5.68 -6.50 -12.57
N GLY A 200 -6.17 -7.47 -11.81
CA GLY A 200 -7.36 -8.19 -12.20
C GLY A 200 -7.21 -9.28 -13.25
N ILE A 201 -5.97 -9.65 -13.58
CA ILE A 201 -5.76 -10.71 -14.57
C ILE A 201 -6.03 -12.04 -13.88
N ARG A 202 -7.22 -12.59 -14.10
CA ARG A 202 -7.62 -13.85 -13.48
C ARG A 202 -7.80 -15.03 -14.44
N SER A 203 -8.05 -14.74 -15.71
CA SER A 203 -8.28 -15.79 -16.71
C SER A 203 -7.23 -15.83 -17.81
N GLY A 204 -7.16 -16.99 -18.46
CA GLY A 204 -6.24 -17.15 -19.57
C GLY A 204 -6.64 -16.13 -20.63
N ILE A 205 -7.94 -15.93 -20.80
CA ILE A 205 -8.40 -14.96 -21.78
C ILE A 205 -7.94 -13.56 -21.42
N ASP A 206 -7.99 -13.20 -20.13
CA ASP A 206 -7.52 -11.88 -19.71
C ASP A 206 -6.08 -11.72 -20.17
N ALA A 207 -5.28 -12.75 -19.94
CA ALA A 207 -3.88 -12.76 -20.30
C ALA A 207 -3.64 -12.56 -21.80
N VAL A 208 -4.34 -13.34 -22.62
CA VAL A 208 -4.20 -13.24 -24.07
C VAL A 208 -4.59 -11.85 -24.59
N LEU A 209 -5.64 -11.28 -24.00
CA LEU A 209 -6.11 -9.96 -24.41
C LEU A 209 -5.10 -8.86 -24.05
N ALA A 210 -4.48 -8.99 -22.88
CA ALA A 210 -3.49 -8.02 -22.43
C ALA A 210 -2.24 -8.07 -23.33
N VAL A 211 -1.82 -9.27 -23.71
CA VAL A 211 -0.67 -9.43 -24.57
C VAL A 211 -1.01 -8.88 -25.96
N GLY A 212 -2.24 -9.13 -26.41
CA GLY A 212 -2.66 -8.63 -27.70
C GLY A 212 -2.65 -7.10 -27.73
N ALA A 213 -2.92 -6.49 -26.58
CA ALA A 213 -2.94 -5.04 -26.47
C ALA A 213 -1.55 -4.42 -26.32
N GLY A 214 -0.52 -5.26 -26.25
CA GLY A 214 0.84 -4.73 -26.14
C GLY A 214 1.65 -5.11 -24.92
N ALA A 215 1.08 -5.91 -24.02
CA ALA A 215 1.82 -6.30 -22.84
C ALA A 215 2.86 -7.38 -23.16
N ASP A 216 4.09 -7.16 -22.71
CA ASP A 216 5.17 -8.12 -22.91
C ASP A 216 5.17 -9.07 -21.73
N ILE A 217 4.84 -8.54 -20.56
CA ILE A 217 4.80 -9.30 -19.32
C ILE A 217 3.44 -9.22 -18.66
N ILE A 218 3.01 -10.33 -18.06
CA ILE A 218 1.74 -10.37 -17.38
C ILE A 218 1.94 -10.57 -15.86
N GLY A 219 1.46 -9.62 -15.08
CA GLY A 219 1.58 -9.73 -13.63
C GLY A 219 0.26 -10.23 -13.09
N THR A 220 0.31 -11.25 -12.25
CA THR A 220 -0.92 -11.79 -11.69
C THR A 220 -0.70 -12.61 -10.44
N SER A 221 -1.67 -12.49 -9.52
CA SER A 221 -1.66 -13.19 -8.27
C SER A 221 -2.33 -14.55 -8.44
N SER A 222 -2.81 -14.83 -9.64
CA SER A 222 -3.48 -16.10 -9.94
C SER A 222 -2.79 -16.78 -11.13
N ALA A 223 -1.46 -16.76 -11.12
CA ALA A 223 -0.67 -17.36 -12.20
C ALA A 223 -1.13 -18.75 -12.62
N VAL A 224 -1.23 -19.66 -11.67
CA VAL A 224 -1.66 -21.02 -11.95
C VAL A 224 -3.06 -21.08 -12.60
N LYS A 225 -4.01 -20.33 -12.06
CA LYS A 225 -5.37 -20.33 -12.60
C LYS A 225 -5.41 -19.72 -14.01
N VAL A 226 -4.61 -18.69 -14.24
CA VAL A 226 -4.55 -18.04 -15.54
C VAL A 226 -4.06 -19.05 -16.57
N LEU A 227 -3.04 -19.81 -16.21
CA LEU A 227 -2.46 -20.80 -17.10
C LEU A 227 -3.47 -21.91 -17.39
N GLU A 228 -4.02 -22.50 -16.33
CA GLU A 228 -4.99 -23.57 -16.51
C GLU A 228 -6.22 -23.08 -17.27
N SER A 229 -6.59 -21.84 -17.01
CA SER A 229 -7.74 -21.19 -17.66
C SER A 229 -7.43 -20.98 -19.14
N PHE A 230 -6.14 -20.84 -19.44
CA PHE A 230 -5.68 -20.66 -20.81
C PHE A 230 -5.90 -21.97 -21.56
N LYS A 231 -5.54 -23.07 -20.92
CA LYS A 231 -5.68 -24.39 -21.55
C LYS A 231 -7.13 -24.82 -21.67
N SER A 232 -7.93 -24.57 -20.63
CA SER A 232 -9.33 -24.95 -20.63
C SER A 232 -10.21 -23.88 -19.97
N LEU A 233 -11.17 -23.38 -20.74
CA LEU A 233 -12.09 -22.35 -20.26
C LEU A 233 -12.77 -22.72 -18.96
N VAL A 234 -13.21 -23.97 -18.87
CA VAL A 234 -13.89 -24.46 -17.67
C VAL A 234 -13.24 -25.75 -17.16
N PRO B 1 -22.64 -6.11 23.68
CA PRO B 1 -23.47 -4.89 23.72
C PRO B 1 -24.62 -5.02 22.73
N SER B 2 -25.73 -4.36 23.02
CA SER B 2 -26.89 -4.38 22.14
C SER B 2 -26.76 -3.21 21.16
N ALA B 3 -27.69 -3.12 20.20
CA ALA B 3 -27.65 -2.03 19.24
C ALA B 3 -27.88 -0.74 20.03
N ARG B 4 -28.85 -0.75 20.93
CA ARG B 4 -29.16 0.42 21.74
C ARG B 4 -27.91 0.85 22.53
N ASP B 5 -27.17 -0.12 23.05
CA ASP B 5 -25.96 0.18 23.81
C ASP B 5 -24.97 1.01 23.01
N ILE B 6 -24.67 0.58 21.79
CA ILE B 6 -23.73 1.33 20.97
C ILE B 6 -24.20 2.73 20.61
N LEU B 7 -25.50 2.89 20.33
CA LEU B 7 -26.03 4.21 19.98
C LEU B 7 -25.97 5.13 21.21
N GLN B 8 -26.40 4.62 22.35
CA GLN B 8 -26.38 5.41 23.57
C GLN B 8 -24.97 5.82 23.97
N GLN B 9 -24.03 4.87 23.88
CA GLN B 9 -22.64 5.15 24.23
C GLN B 9 -22.07 6.24 23.32
N GLY B 10 -22.42 6.19 22.04
CA GLY B 10 -21.93 7.21 21.11
C GLY B 10 -22.47 8.57 21.50
N LEU B 11 -23.75 8.62 21.85
CA LEU B 11 -24.39 9.87 22.25
C LEU B 11 -23.80 10.42 23.56
N ASP B 12 -23.47 9.53 24.49
CA ASP B 12 -22.89 9.93 25.77
C ASP B 12 -21.52 10.60 25.59
N ARG B 13 -20.79 10.15 24.58
CA ARG B 13 -19.44 10.66 24.33
C ARG B 13 -19.31 11.83 23.38
N LEU B 14 -20.25 11.97 22.44
CA LEU B 14 -20.20 13.07 21.48
C LEU B 14 -21.35 14.04 21.68
N GLY B 15 -21.20 14.94 22.64
CA GLY B 15 -22.24 15.90 22.91
C GLY B 15 -22.23 17.09 21.96
N SER B 16 -21.06 17.45 21.46
CA SER B 16 -20.94 18.60 20.57
C SER B 16 -20.07 18.33 19.35
N PRO B 17 -20.14 19.20 18.34
CA PRO B 17 -19.34 19.05 17.12
C PRO B 17 -17.85 19.10 17.50
N GLU B 18 -17.53 19.93 18.49
CA GLU B 18 -16.16 20.07 18.96
C GLU B 18 -15.66 18.75 19.53
N ASP B 19 -16.53 18.04 20.25
CA ASP B 19 -16.14 16.74 20.80
C ASP B 19 -15.72 15.82 19.66
N LEU B 20 -16.54 15.77 18.63
CA LEU B 20 -16.25 14.93 17.46
C LEU B 20 -14.98 15.38 16.78
N ALA B 21 -14.91 16.66 16.44
CA ALA B 21 -13.74 17.22 15.77
C ALA B 21 -12.45 16.86 16.49
N SER B 22 -12.44 16.94 17.82
CA SER B 22 -11.27 16.64 18.63
C SER B 22 -10.78 15.21 18.53
N ARG B 23 -11.66 14.31 18.08
CA ARG B 23 -11.31 12.90 17.97
C ARG B 23 -10.94 12.48 16.54
N ILE B 24 -11.11 13.39 15.58
CA ILE B 24 -10.82 13.08 14.19
C ILE B 24 -9.40 13.34 13.70
N ASP B 25 -8.77 12.28 13.19
CA ASP B 25 -7.43 12.37 12.62
C ASP B 25 -7.72 12.61 11.13
N SER B 26 -7.71 13.87 10.69
CA SER B 26 -8.00 14.20 9.29
C SER B 26 -6.90 13.60 8.41
N THR B 27 -7.31 12.71 7.51
CA THR B 27 -6.38 11.97 6.68
C THR B 27 -6.38 12.20 5.17
N LEU B 28 -5.20 12.03 4.57
CA LEU B 28 -5.00 12.15 3.14
C LEU B 28 -3.85 11.19 2.80
N LEU B 29 -4.20 10.07 2.19
CA LEU B 29 -3.22 9.03 1.83
C LEU B 29 -3.57 8.51 0.44
N SER B 30 -3.71 9.43 -0.52
CA SER B 30 -4.06 9.05 -1.87
C SER B 30 -2.88 9.18 -2.83
N PRO B 31 -2.84 8.30 -3.86
CA PRO B 31 -1.79 8.30 -4.87
C PRO B 31 -1.90 9.57 -5.71
N ARG B 32 -3.07 10.22 -5.62
CA ARG B 32 -3.34 11.46 -6.36
C ARG B 32 -3.07 12.74 -5.57
N ALA B 33 -2.92 12.60 -4.25
CA ALA B 33 -2.69 13.76 -3.40
C ALA B 33 -1.48 14.60 -3.82
N THR B 34 -1.70 15.90 -3.96
CA THR B 34 -0.66 16.83 -4.35
C THR B 34 -0.27 17.67 -3.14
N GLU B 35 0.78 18.46 -3.26
CA GLU B 35 1.22 19.32 -2.18
C GLU B 35 0.10 20.28 -1.81
N GLU B 36 -0.62 20.76 -2.83
CA GLU B 36 -1.73 21.68 -2.60
C GLU B 36 -2.81 21.03 -1.72
N ASP B 37 -3.14 19.78 -2.02
CA ASP B 37 -4.16 19.08 -1.24
C ASP B 37 -3.69 18.97 0.21
N VAL B 38 -2.40 18.67 0.38
CA VAL B 38 -1.83 18.54 1.72
C VAL B 38 -1.92 19.86 2.50
N ARG B 39 -1.59 20.97 1.84
CA ARG B 39 -1.68 22.28 2.49
C ARG B 39 -3.12 22.51 2.95
N ASN B 40 -4.08 22.20 2.07
CA ASN B 40 -5.49 22.37 2.40
C ASN B 40 -5.88 21.49 3.58
N LEU B 41 -5.33 20.28 3.63
CA LEU B 41 -5.64 19.36 4.71
C LEU B 41 -5.25 19.97 6.06
N VAL B 42 -4.01 20.44 6.15
CA VAL B 42 -3.48 21.03 7.37
C VAL B 42 -4.21 22.32 7.76
N ARG B 43 -4.43 23.21 6.81
CA ARG B 43 -5.14 24.46 7.10
C ARG B 43 -6.51 24.15 7.67
N GLU B 44 -7.23 23.23 7.03
CA GLU B 44 -8.57 22.88 7.50
C GLU B 44 -8.57 22.19 8.85
N ALA B 45 -7.50 21.45 9.14
CA ALA B 45 -7.39 20.77 10.41
C ALA B 45 -7.40 21.83 11.51
N SER B 46 -6.69 22.93 11.24
CA SER B 46 -6.63 24.02 12.20
C SER B 46 -7.99 24.70 12.24
N ASP B 47 -8.54 24.96 11.06
CA ASP B 47 -9.83 25.62 10.93
C ASP B 47 -10.96 24.94 11.70
N TYR B 48 -10.97 23.61 11.70
CA TYR B 48 -12.05 22.88 12.38
C TYR B 48 -11.66 22.18 13.67
N GLY B 49 -10.40 22.32 14.06
CA GLY B 49 -9.93 21.72 15.29
C GLY B 49 -9.88 20.21 15.31
N PHE B 50 -9.45 19.61 14.21
CA PHE B 50 -9.34 18.15 14.17
C PHE B 50 -8.14 17.74 15.02
N ARG B 51 -8.15 16.51 15.50
CA ARG B 51 -7.08 16.00 16.36
C ARG B 51 -5.69 16.15 15.76
N CYS B 52 -5.56 15.84 14.48
CA CYS B 52 -4.29 15.96 13.80
C CYS B 52 -4.47 15.66 12.32
N ALA B 53 -3.39 15.83 11.57
CA ALA B 53 -3.38 15.56 10.15
C ALA B 53 -2.56 14.29 9.98
N VAL B 54 -3.08 13.35 9.21
CA VAL B 54 -2.39 12.07 8.94
C VAL B 54 -1.94 12.10 7.49
N LEU B 55 -0.65 11.91 7.26
CA LEU B 55 -0.10 11.95 5.91
C LEU B 55 0.93 10.86 5.65
N THR B 56 1.36 10.76 4.40
CA THR B 56 2.39 9.80 4.04
C THR B 56 3.70 10.47 4.49
N PRO B 57 4.80 9.70 4.60
CA PRO B 57 6.09 10.25 5.03
C PRO B 57 6.59 11.49 4.28
N VAL B 58 6.55 11.44 2.95
CA VAL B 58 7.02 12.57 2.14
C VAL B 58 6.26 13.86 2.43
N TYR B 59 4.92 13.80 2.42
CA TYR B 59 4.12 15.00 2.68
C TYR B 59 4.22 15.47 4.12
N THR B 60 4.40 14.54 5.06
CA THR B 60 4.55 14.90 6.45
C THR B 60 5.75 15.85 6.57
N VAL B 61 6.86 15.47 5.94
CA VAL B 61 8.08 16.26 5.94
C VAL B 61 7.86 17.60 5.22
N LYS B 62 7.32 17.53 4.02
CA LYS B 62 7.10 18.75 3.24
C LYS B 62 6.14 19.75 3.90
N ILE B 63 5.19 19.27 4.68
CA ILE B 63 4.23 20.17 5.31
C ILE B 63 4.51 20.50 6.77
N SER B 64 5.53 19.89 7.35
CA SER B 64 5.86 20.12 8.75
C SER B 64 6.01 21.60 9.12
N GLY B 65 6.64 22.37 8.24
CA GLY B 65 6.81 23.79 8.51
C GLY B 65 5.49 24.51 8.74
N LEU B 66 4.56 24.34 7.82
CA LEU B 66 3.25 24.97 7.93
C LEU B 66 2.48 24.42 9.14
N ALA B 67 2.55 23.11 9.34
CA ALA B 67 1.87 22.47 10.47
C ALA B 67 2.35 23.06 11.80
N GLU B 68 3.65 23.28 11.92
CA GLU B 68 4.22 23.84 13.15
C GLU B 68 3.69 25.26 13.35
N LYS B 69 3.72 26.05 12.28
CA LYS B 69 3.24 27.42 12.33
C LYS B 69 1.79 27.51 12.76
N LEU B 70 0.97 26.59 12.27
CA LEU B 70 -0.45 26.61 12.61
C LEU B 70 -0.80 25.80 13.85
N GLY B 71 0.18 25.11 14.42
CA GLY B 71 -0.08 24.32 15.60
C GLY B 71 -0.91 23.09 15.29
N VAL B 72 -0.64 22.45 14.15
CA VAL B 72 -1.35 21.24 13.76
C VAL B 72 -0.45 20.03 13.99
N LYS B 73 -0.88 19.12 14.87
CA LYS B 73 -0.09 17.93 15.14
C LYS B 73 -0.02 17.09 13.87
N LEU B 74 1.14 16.49 13.62
CA LEU B 74 1.30 15.66 12.43
C LEU B 74 1.48 14.20 12.75
N CYS B 75 0.75 13.36 12.02
CA CYS B 75 0.83 11.92 12.17
C CYS B 75 1.20 11.33 10.81
N SER B 76 2.21 10.48 10.79
CA SER B 76 2.62 9.84 9.54
C SER B 76 2.40 8.34 9.60
N VAL B 77 2.00 7.77 8.46
CA VAL B 77 1.83 6.34 8.38
C VAL B 77 3.23 5.80 8.14
N ILE B 78 3.48 4.57 8.59
CA ILE B 78 4.79 3.93 8.44
C ILE B 78 4.63 2.53 7.83
N GLY B 79 5.44 2.23 6.82
CA GLY B 79 5.37 0.93 6.15
C GLY B 79 3.95 0.66 5.68
N PHE B 80 3.26 1.74 5.35
CA PHE B 80 1.85 1.73 4.94
C PHE B 80 1.67 1.64 3.41
N PRO B 81 0.66 0.87 2.95
CA PRO B 81 -0.30 0.09 3.74
C PRO B 81 -0.06 -1.42 3.84
N LEU B 82 0.92 -1.95 3.11
CA LEU B 82 1.18 -3.39 3.10
C LEU B 82 2.05 -3.89 4.25
N GLY B 83 2.91 -3.01 4.78
CA GLY B 83 3.75 -3.36 5.92
C GLY B 83 4.76 -4.49 5.80
N GLN B 84 5.21 -4.78 4.59
CA GLN B 84 6.17 -5.86 4.45
C GLN B 84 7.55 -5.46 3.97
N ALA B 85 7.98 -4.28 4.39
CA ALA B 85 9.33 -3.81 4.10
C ALA B 85 10.02 -4.22 5.40
N PRO B 86 11.34 -4.45 5.37
CA PRO B 86 12.02 -4.85 6.61
C PRO B 86 11.98 -3.79 7.71
N LEU B 87 12.17 -4.22 8.96
CA LEU B 87 12.16 -3.30 10.09
C LEU B 87 13.10 -2.11 9.90
N GLU B 88 14.30 -2.39 9.40
CA GLU B 88 15.29 -1.32 9.19
C GLU B 88 14.76 -0.24 8.25
N VAL B 89 14.05 -0.64 7.21
CA VAL B 89 13.50 0.33 6.25
C VAL B 89 12.44 1.20 6.92
N LYS B 90 11.62 0.59 7.76
CA LYS B 90 10.58 1.34 8.46
C LYS B 90 11.18 2.32 9.46
N LEU B 91 12.30 1.93 10.09
CA LEU B 91 12.95 2.81 11.06
C LEU B 91 13.55 4.03 10.36
N VAL B 92 14.15 3.83 9.19
CA VAL B 92 14.71 4.96 8.45
C VAL B 92 13.55 5.87 8.08
N GLU B 93 12.43 5.26 7.69
CA GLU B 93 11.23 6.01 7.31
C GLU B 93 10.66 6.77 8.51
N ALA B 94 10.58 6.10 9.66
CA ALA B 94 10.05 6.74 10.86
C ALA B 94 10.99 7.88 11.30
N GLN B 95 12.29 7.63 11.19
CA GLN B 95 13.31 8.61 11.58
C GLN B 95 13.15 9.94 10.84
N THR B 96 13.08 9.88 9.52
CA THR B 96 12.95 11.09 8.71
C THR B 96 11.71 11.89 9.08
N VAL B 97 10.63 11.19 9.42
CA VAL B 97 9.37 11.83 9.79
C VAL B 97 9.45 12.40 11.20
N LEU B 98 10.09 11.68 12.10
CA LEU B 98 10.24 12.13 13.47
C LEU B 98 11.15 13.35 13.50
N GLU B 99 12.25 13.30 12.76
CA GLU B 99 13.18 14.42 12.72
C GLU B 99 12.49 15.67 12.19
N ALA B 100 11.42 15.48 11.40
CA ALA B 100 10.69 16.59 10.82
C ALA B 100 9.66 17.20 11.77
N GLY B 101 9.35 16.50 12.85
CA GLY B 101 8.40 17.04 13.80
C GLY B 101 7.13 16.24 14.01
N ALA B 102 6.99 15.13 13.29
CA ALA B 102 5.81 14.29 13.45
C ALA B 102 5.83 13.73 14.86
N THR B 103 4.69 13.82 15.55
CA THR B 103 4.60 13.32 16.92
C THR B 103 3.76 12.06 17.09
N GLU B 104 3.27 11.52 15.99
CA GLU B 104 2.48 10.30 16.03
C GLU B 104 2.75 9.47 14.77
N LEU B 105 2.74 8.14 14.93
CA LEU B 105 3.00 7.24 13.82
C LEU B 105 1.92 6.17 13.76
N ASP B 106 1.33 5.98 12.59
CA ASP B 106 0.30 4.96 12.38
C ASP B 106 1.06 3.88 11.64
N VAL B 107 1.51 2.88 12.39
CA VAL B 107 2.32 1.80 11.85
C VAL B 107 1.63 0.53 11.39
N VAL B 108 2.07 0.02 10.24
CA VAL B 108 1.55 -1.22 9.70
C VAL B 108 2.70 -2.22 9.86
N PRO B 109 2.60 -3.12 10.85
CA PRO B 109 3.70 -4.08 11.00
C PRO B 109 3.53 -5.21 9.98
N HIS B 110 4.52 -6.11 9.91
CA HIS B 110 4.40 -7.24 9.00
C HIS B 110 3.56 -8.26 9.78
N LEU B 111 2.25 -8.00 9.80
CA LEU B 111 1.28 -8.81 10.51
C LEU B 111 1.28 -10.31 10.23
N SER B 112 1.41 -10.68 8.95
CA SER B 112 1.37 -12.10 8.57
C SER B 112 2.55 -12.93 9.08
N LEU B 113 3.56 -12.30 9.66
CA LEU B 113 4.68 -13.04 10.19
C LEU B 113 4.37 -13.65 11.56
N GLY B 114 3.25 -13.23 12.14
CA GLY B 114 2.86 -13.77 13.44
C GLY B 114 3.07 -12.85 14.62
N PRO B 115 2.37 -13.10 15.75
CA PRO B 115 2.45 -12.32 16.99
C PRO B 115 3.83 -11.99 17.51
N GLU B 116 4.71 -12.98 17.58
CA GLU B 116 6.07 -12.77 18.08
C GLU B 116 6.87 -11.79 17.23
N ALA B 117 6.77 -11.93 15.91
CA ALA B 117 7.50 -11.03 15.02
C ALA B 117 6.94 -9.62 15.16
N VAL B 118 5.62 -9.51 15.25
CA VAL B 118 4.99 -8.20 15.40
C VAL B 118 5.46 -7.55 16.70
N TYR B 119 5.58 -8.34 17.76
CA TYR B 119 6.05 -7.81 19.04
C TYR B 119 7.46 -7.26 18.90
N ARG B 120 8.36 -8.05 18.32
CA ARG B 120 9.75 -7.62 18.14
C ARG B 120 9.85 -6.41 17.22
N GLU B 121 9.04 -6.38 16.17
CA GLU B 121 9.06 -5.27 15.23
C GLU B 121 8.50 -3.98 15.83
N VAL B 122 7.33 -4.06 16.46
CA VAL B 122 6.72 -2.88 17.07
C VAL B 122 7.59 -2.32 18.20
N SER B 123 8.22 -3.21 18.97
CA SER B 123 9.08 -2.76 20.06
C SER B 123 10.19 -1.88 19.51
N GLY B 124 10.75 -2.29 18.37
CA GLY B 124 11.81 -1.53 17.75
C GLY B 124 11.35 -0.15 17.31
N ILE B 125 10.12 -0.05 16.81
CA ILE B 125 9.60 1.24 16.37
C ILE B 125 9.20 2.12 17.56
N VAL B 126 8.60 1.51 18.57
CA VAL B 126 8.20 2.25 19.77
C VAL B 126 9.45 2.85 20.44
N LYS B 127 10.54 2.11 20.38
CA LYS B 127 11.80 2.54 20.97
C LYS B 127 12.26 3.86 20.31
N LEU B 128 12.26 3.89 18.99
CA LEU B 128 12.66 5.10 18.29
C LEU B 128 11.66 6.21 18.59
N ALA B 129 10.38 5.86 18.58
CA ALA B 129 9.31 6.82 18.83
C ALA B 129 9.37 7.49 20.20
N LYS B 130 9.64 6.71 21.24
CA LYS B 130 9.71 7.26 22.60
C LYS B 130 10.79 8.32 22.74
N SER B 131 11.89 8.17 22.02
CA SER B 131 12.98 9.14 22.11
C SER B 131 12.59 10.52 21.58
N TYR B 132 11.45 10.59 20.88
CA TYR B 132 10.95 11.85 20.35
C TYR B 132 9.66 12.20 21.08
N GLY B 133 9.27 11.36 22.03
CA GLY B 133 8.04 11.57 22.76
C GLY B 133 6.85 11.43 21.83
N ALA B 134 6.98 10.56 20.83
CA ALA B 134 5.93 10.33 19.85
C ALA B 134 5.04 9.14 20.21
N VAL B 135 3.77 9.25 19.84
CA VAL B 135 2.78 8.19 20.11
C VAL B 135 2.71 7.24 18.91
N VAL B 136 2.55 5.95 19.20
CA VAL B 136 2.47 4.94 18.15
C VAL B 136 1.13 4.23 18.14
N LYS B 137 0.48 4.21 16.97
CA LYS B 137 -0.78 3.50 16.80
C LYS B 137 -0.42 2.32 15.91
N VAL B 138 -0.80 1.11 16.35
CA VAL B 138 -0.49 -0.08 15.55
C VAL B 138 -1.72 -0.56 14.77
N ILE B 139 -1.62 -0.52 13.44
CA ILE B 139 -2.72 -0.96 12.59
C ILE B 139 -2.72 -2.49 12.55
N LEU B 140 -3.84 -3.09 12.93
CA LEU B 140 -3.93 -4.54 12.99
C LEU B 140 -4.77 -5.25 11.92
N GLU B 141 -5.42 -4.48 11.04
CA GLU B 141 -6.26 -5.07 10.00
C GLU B 141 -7.17 -6.12 10.63
N ALA B 142 -7.90 -5.73 11.66
CA ALA B 142 -8.79 -6.62 12.41
C ALA B 142 -9.73 -7.50 11.57
N PRO B 143 -10.33 -6.97 10.49
CA PRO B 143 -11.23 -7.80 9.70
C PRO B 143 -10.61 -9.07 9.11
N LEU B 144 -9.28 -9.12 9.06
CA LEU B 144 -8.57 -10.26 8.51
C LEU B 144 -8.37 -11.45 9.45
N TRP B 145 -8.45 -11.21 10.76
CA TRP B 145 -8.20 -12.28 11.73
C TRP B 145 -9.35 -12.64 12.64
N ASP B 146 -9.31 -13.85 13.21
CA ASP B 146 -10.35 -14.25 14.15
C ASP B 146 -10.01 -13.59 15.48
N ASP B 147 -10.87 -13.75 16.49
CA ASP B 147 -10.62 -13.11 17.77
C ASP B 147 -9.35 -13.57 18.49
N LYS B 148 -9.07 -14.86 18.42
CA LYS B 148 -7.87 -15.38 19.06
C LYS B 148 -6.63 -14.69 18.48
N THR B 149 -6.58 -14.60 17.15
CA THR B 149 -5.45 -13.97 16.49
C THR B 149 -5.39 -12.47 16.74
N LEU B 150 -6.55 -11.83 16.79
CA LEU B 150 -6.59 -10.39 17.04
C LEU B 150 -6.09 -10.11 18.47
N SER B 151 -6.49 -10.98 19.39
CA SER B 151 -6.06 -10.82 20.78
C SER B 151 -4.54 -10.91 20.86
N LEU B 152 -3.96 -11.94 20.23
CA LEU B 152 -2.50 -12.10 20.23
C LEU B 152 -1.82 -10.84 19.69
N LEU B 153 -2.40 -10.27 18.63
CA LEU B 153 -1.88 -9.07 18.00
C LEU B 153 -1.97 -7.86 18.93
N VAL B 154 -3.09 -7.72 19.62
CA VAL B 154 -3.29 -6.63 20.55
C VAL B 154 -2.29 -6.77 21.70
N ASP B 155 -2.11 -8.00 22.16
CA ASP B 155 -1.18 -8.27 23.25
C ASP B 155 0.26 -7.99 22.87
N SER B 156 0.65 -8.33 21.64
CA SER B 156 2.01 -8.08 21.18
C SER B 156 2.24 -6.57 21.11
N SER B 157 1.20 -5.85 20.71
CA SER B 157 1.27 -4.40 20.61
C SER B 157 1.45 -3.81 22.01
N ARG B 158 0.66 -4.32 22.95
CA ARG B 158 0.72 -3.87 24.34
C ARG B 158 2.13 -4.10 24.89
N ARG B 159 2.60 -5.33 24.81
CA ARG B 159 3.94 -5.68 25.30
C ARG B 159 5.03 -4.86 24.63
N ALA B 160 4.79 -4.42 23.39
CA ALA B 160 5.76 -3.64 22.65
C ALA B 160 5.86 -2.20 23.12
N GLY B 161 4.87 -1.76 23.90
CA GLY B 161 4.88 -0.40 24.40
C GLY B 161 4.00 0.56 23.62
N ALA B 162 3.21 0.03 22.69
CA ALA B 162 2.34 0.86 21.87
C ALA B 162 1.20 1.49 22.68
N ASP B 163 0.81 2.70 22.31
CA ASP B 163 -0.25 3.44 23.00
C ASP B 163 -1.64 3.11 22.51
N ILE B 164 -1.76 3.03 21.19
CA ILE B 164 -3.03 2.80 20.53
C ILE B 164 -2.97 1.69 19.49
N VAL B 165 -4.12 1.05 19.28
CA VAL B 165 -4.25 0.00 18.27
C VAL B 165 -5.30 0.52 17.28
N LYS B 166 -5.03 0.33 15.98
CA LYS B 166 -5.93 0.79 14.92
C LYS B 166 -6.57 -0.39 14.19
N THR B 167 -7.84 -0.24 13.87
CA THR B 167 -8.59 -1.31 13.20
C THR B 167 -8.23 -1.69 11.77
N SER B 168 -7.83 -0.71 10.96
CA SER B 168 -7.59 -1.02 9.56
C SER B 168 -6.73 0.01 8.83
N THR B 169 -6.19 -0.39 7.68
CA THR B 169 -5.39 0.53 6.85
C THR B 169 -6.37 1.31 5.99
N GLY B 170 -7.56 0.76 5.80
CA GLY B 170 -8.56 1.39 4.95
C GLY B 170 -8.28 1.02 3.50
N VAL B 171 -7.23 0.24 3.30
CA VAL B 171 -6.85 -0.20 1.95
C VAL B 171 -7.17 -1.68 1.74
N TYR B 172 -6.56 -2.53 2.57
CA TYR B 172 -6.75 -3.98 2.47
C TYR B 172 -7.99 -4.47 3.21
N THR B 173 -8.52 -3.63 4.10
CA THR B 173 -9.73 -3.93 4.84
C THR B 173 -10.32 -2.58 5.15
N LYS B 174 -11.50 -2.58 5.76
CA LYS B 174 -12.16 -1.36 6.19
C LYS B 174 -12.64 -1.70 7.58
N GLY B 175 -12.31 -0.86 8.56
CA GLY B 175 -12.70 -1.15 9.93
C GLY B 175 -13.39 -0.01 10.67
N GLY B 176 -14.25 0.71 9.97
CA GLY B 176 -14.94 1.82 10.59
C GLY B 176 -16.28 1.41 11.16
N ASP B 177 -16.71 0.19 10.85
CA ASP B 177 -18.00 -0.33 11.31
C ASP B 177 -17.97 -0.70 12.79
N PRO B 178 -19.14 -0.61 13.46
CA PRO B 178 -19.32 -0.91 14.88
C PRO B 178 -18.81 -2.30 15.30
N VAL B 179 -19.12 -3.30 14.49
CA VAL B 179 -18.71 -4.66 14.80
C VAL B 179 -17.19 -4.81 14.89
N THR B 180 -16.48 -4.31 13.87
CA THR B 180 -15.03 -4.41 13.85
C THR B 180 -14.42 -3.55 14.96
N VAL B 181 -15.00 -2.38 15.20
CA VAL B 181 -14.52 -1.51 16.26
C VAL B 181 -14.67 -2.20 17.61
N PHE B 182 -15.84 -2.79 17.85
CA PHE B 182 -16.06 -3.47 19.13
C PHE B 182 -15.11 -4.66 19.31
N ARG B 183 -14.87 -5.41 18.23
CA ARG B 183 -13.97 -6.55 18.29
C ARG B 183 -12.59 -6.13 18.80
N LEU B 184 -12.10 -4.99 18.30
CA LEU B 184 -10.81 -4.50 18.72
C LEU B 184 -10.88 -3.88 20.12
N ALA B 185 -11.88 -3.05 20.35
CA ALA B 185 -12.03 -2.38 21.64
C ALA B 185 -12.23 -3.33 22.82
N SER B 186 -13.02 -4.38 22.64
CA SER B 186 -13.26 -5.33 23.72
C SER B 186 -11.97 -5.99 24.20
N LEU B 187 -10.93 -5.94 23.35
CA LEU B 187 -9.65 -6.53 23.69
C LEU B 187 -8.63 -5.48 24.16
N ALA B 188 -8.64 -4.33 23.50
CA ALA B 188 -7.70 -3.25 23.80
C ALA B 188 -7.98 -2.44 25.06
N LYS B 189 -9.23 -2.05 25.26
CA LYS B 189 -9.55 -1.23 26.42
C LYS B 189 -9.20 -1.83 27.79
N PRO B 190 -9.48 -3.13 28.00
CA PRO B 190 -9.15 -3.72 29.29
C PRO B 190 -7.64 -3.63 29.59
N LEU B 191 -6.84 -3.50 28.54
CA LEU B 191 -5.40 -3.40 28.70
C LEU B 191 -4.94 -1.96 28.74
N GLY B 192 -5.90 -1.03 28.73
CA GLY B 192 -5.56 0.39 28.79
C GLY B 192 -5.03 1.01 27.51
N MET B 193 -5.30 0.38 26.37
CA MET B 193 -4.82 0.91 25.09
C MET B 193 -5.93 1.70 24.41
N GLY B 194 -5.54 2.77 23.72
CA GLY B 194 -6.52 3.57 23.00
C GLY B 194 -6.97 2.81 21.77
N VAL B 195 -8.06 3.25 21.15
CA VAL B 195 -8.57 2.58 19.97
C VAL B 195 -8.88 3.56 18.84
N LYS B 196 -8.34 3.28 17.65
CA LYS B 196 -8.62 4.12 16.49
C LYS B 196 -9.37 3.32 15.44
N ALA B 197 -10.48 3.88 14.95
CA ALA B 197 -11.30 3.23 13.93
C ALA B 197 -11.12 3.97 12.60
N SER B 198 -10.94 3.22 11.52
CA SER B 198 -10.75 3.82 10.19
C SER B 198 -11.25 2.89 9.10
N GLY B 199 -11.64 3.49 7.97
CA GLY B 199 -12.12 2.71 6.84
C GLY B 199 -13.59 2.94 6.54
N GLY B 200 -13.85 3.76 5.54
CA GLY B 200 -15.23 4.03 5.16
C GLY B 200 -16.03 4.97 6.04
N ILE B 201 -15.39 5.64 6.99
CA ILE B 201 -16.14 6.57 7.84
C ILE B 201 -16.34 7.84 7.00
N ARG B 202 -17.58 8.06 6.57
CA ARG B 202 -17.92 9.18 5.71
C ARG B 202 -18.97 10.13 6.27
N SER B 203 -19.78 9.64 7.21
CA SER B 203 -20.86 10.44 7.79
C SER B 203 -20.68 10.68 9.27
N GLY B 204 -21.37 11.69 9.78
CA GLY B 204 -21.30 11.99 11.20
C GLY B 204 -21.84 10.78 11.93
N ILE B 205 -22.87 10.16 11.36
CA ILE B 205 -23.47 8.96 11.95
C ILE B 205 -22.41 7.87 12.06
N ASP B 206 -21.68 7.62 10.98
CA ASP B 206 -20.63 6.60 10.99
C ASP B 206 -19.69 6.87 12.16
N ALA B 207 -19.30 8.13 12.31
CA ALA B 207 -18.39 8.54 13.38
C ALA B 207 -18.93 8.25 14.77
N VAL B 208 -20.19 8.62 15.00
CA VAL B 208 -20.80 8.40 16.31
C VAL B 208 -20.94 6.92 16.67
N LEU B 209 -21.26 6.09 15.67
CA LEU B 209 -21.41 4.66 15.92
C LEU B 209 -20.05 4.04 16.28
N ALA B 210 -19.00 4.50 15.61
CA ALA B 210 -17.66 3.99 15.87
C ALA B 210 -17.20 4.33 17.29
N VAL B 211 -17.51 5.54 17.74
CA VAL B 211 -17.13 5.95 19.09
C VAL B 211 -17.95 5.15 20.09
N GLY B 212 -19.24 5.02 19.82
CA GLY B 212 -20.10 4.26 20.71
C GLY B 212 -19.63 2.82 20.81
N ALA B 213 -18.98 2.33 19.76
CA ALA B 213 -18.48 0.96 19.74
C ALA B 213 -17.13 0.84 20.46
N GLY B 214 -16.55 1.96 20.86
CA GLY B 214 -15.28 1.90 21.56
C GLY B 214 -14.11 2.68 20.97
N ALA B 215 -14.29 3.28 19.80
CA ALA B 215 -13.19 4.03 19.21
C ALA B 215 -12.97 5.34 19.97
N ASP B 216 -11.70 5.63 20.27
CA ASP B 216 -11.34 6.88 20.96
C ASP B 216 -11.01 7.91 19.87
N ILE B 217 -10.43 7.43 18.78
CA ILE B 217 -10.03 8.28 17.65
C ILE B 217 -10.71 7.80 16.37
N ILE B 218 -11.08 8.76 15.51
CA ILE B 218 -11.73 8.47 14.25
C ILE B 218 -10.84 8.87 13.08
N GLY B 219 -10.42 7.90 12.29
CA GLY B 219 -9.59 8.19 11.14
C GLY B 219 -10.48 8.30 9.93
N THR B 220 -10.31 9.37 9.15
CA THR B 220 -11.15 9.55 7.98
C THR B 220 -10.58 10.56 6.98
N SER B 221 -10.76 10.23 5.70
CA SER B 221 -10.28 11.10 4.65
C SER B 221 -11.37 12.10 4.28
N SER B 222 -12.50 12.04 4.97
CA SER B 222 -13.62 12.95 4.72
C SER B 222 -13.97 13.66 6.04
N ALA B 223 -12.96 14.15 6.73
CA ALA B 223 -13.15 14.81 8.01
C ALA B 223 -14.17 15.93 7.98
N VAL B 224 -14.00 16.88 7.06
CA VAL B 224 -14.94 17.99 6.96
C VAL B 224 -16.37 17.54 6.72
N LYS B 225 -16.57 16.58 5.81
CA LYS B 225 -17.91 16.08 5.52
C LYS B 225 -18.50 15.33 6.71
N VAL B 226 -17.66 14.56 7.40
CA VAL B 226 -18.09 13.81 8.57
C VAL B 226 -18.61 14.79 9.62
N LEU B 227 -17.86 15.88 9.81
CA LEU B 227 -18.24 16.89 10.80
C LEU B 227 -19.51 17.62 10.39
N GLU B 228 -19.61 18.00 9.11
CA GLU B 228 -20.79 18.70 8.65
C GLU B 228 -22.01 17.78 8.69
N SER B 229 -21.78 16.51 8.38
CA SER B 229 -22.82 15.49 8.37
C SER B 229 -23.31 15.25 9.79
N PHE B 230 -22.41 15.44 10.76
CA PHE B 230 -22.76 15.28 12.17
C PHE B 230 -23.74 16.39 12.57
N LYS B 231 -23.43 17.61 12.16
CA LYS B 231 -24.27 18.75 12.49
C LYS B 231 -25.64 18.71 11.79
N SER B 232 -25.65 18.29 10.53
CA SER B 232 -26.88 18.21 9.77
C SER B 232 -26.84 17.00 8.82
N LEU B 233 -27.84 16.14 8.94
CA LEU B 233 -27.94 14.92 8.13
C LEU B 233 -27.95 15.21 6.64
N VAL B 234 -28.72 16.20 6.23
CA VAL B 234 -28.80 16.57 4.83
C VAL B 234 -28.39 18.02 4.62
#